data_2PX1
#
_entry.id   2PX1
#
_cell.length_a   59.906
_cell.length_b   49.631
_cell.length_c   64.705
_cell.angle_alpha   90.00
_cell.angle_beta   105.88
_cell.angle_gamma   90.00
#
_symmetry.space_group_name_H-M   'P 1 21 1'
#
loop_
_entity.id
_entity.type
_entity.pdbx_description
1 polymer Lactotransferrin
2 branched 2-acetamido-2-deoxy-beta-D-glucopyranose-(1-4)-2-acetamido-2-deoxy-beta-D-glucopyranose
3 branched beta-D-mannopyranose-(1-4)-beta-D-mannopyranose-(1-4)-2-acetamido-2-deoxy-beta-D-glucopyranose-(1-4)-2-acetamido-2-deoxy-beta-D-glucopyranose
4 branched beta-D-mannopyranose-(1-4)-2-acetamido-2-deoxy-alpha-D-glucopyranose-(1-4)-2-acetamido-2-deoxy-beta-D-glucopyranose
5 non-polymer beta-D-ribopyranose
6 non-polymer 'FE (III) ION'
7 non-polymer 'CARBONATE ION'
8 non-polymer 'ZINC ION'
9 non-polymer 'SULFATE ION'
10 water water
#
_entity_poly.entity_id   1
_entity_poly.type   'polypeptide(L)'
_entity_poly.pdbx_seq_one_letter_code
;YTRVVWCAVGPEEQKKCQQWSQQSGQNVTCATASTTDDCIVLVLKGEADALNLDGGYIYTAGKCGLVPVLAENRKSSKHS
SLDCVLRPTEGYLAVAVVKKANEGLTWNSLKDKKSCHTAVDRTAGWNIPMGLIVNQTGSCAFDEFFSQSCAPGADPKSRL
CALCAGDDQGLDKCVPNSKEKYYGYTGAFRCLAEDVGDVAFVKNDTVWENTNGESTADWAKNLKREDFRLLCLDGTRKPV
TEAQSCHLAVAPNHAVVSRSDRAAHVEQVLLHQQALFGKNGKNCPDKFCLFKSETKNLLFNDNTECLAKLGGRPTYEEYL
GTEYVTAIANLKKCSTSPLLEACAF
;
_entity_poly.pdbx_strand_id   A
#
loop_
_chem_comp.id
_chem_comp.type
_chem_comp.name
_chem_comp.formula
BMA D-saccharide, beta linking beta-D-mannopyranose 'C6 H12 O6'
CO3 non-polymer 'CARBONATE ION' 'C O3 -2'
FE non-polymer 'FE (III) ION' 'Fe 3'
NAG D-saccharide, beta linking 2-acetamido-2-deoxy-beta-D-glucopyranose 'C8 H15 N O6'
NDG D-saccharide, alpha linking 2-acetamido-2-deoxy-alpha-D-glucopyranose 'C8 H15 N O6'
RIP D-saccharide, beta linking beta-D-ribopyranose 'C5 H10 O5'
SO4 non-polymer 'SULFATE ION' 'O4 S -2'
ZN non-polymer 'ZINC ION' 'Zn 2'
#
# COMPACT_ATOMS: atom_id res chain seq x y z
N TYR A 1 2.27 -30.00 6.50
CA TYR A 1 1.75 -28.72 5.91
C TYR A 1 2.86 -27.80 5.38
N THR A 2 4.10 -28.03 5.84
CA THR A 2 5.16 -27.04 5.67
C THR A 2 5.65 -26.18 4.52
N ARG A 3 5.04 -26.33 3.35
CA ARG A 3 5.39 -25.52 2.22
C ARG A 3 4.38 -24.38 2.00
N VAL A 4 4.83 -23.13 2.08
CA VAL A 4 3.96 -21.98 1.85
C VAL A 4 4.24 -21.35 0.49
N VAL A 5 3.17 -21.21 -0.30
CA VAL A 5 3.26 -20.64 -1.63
C VAL A 5 2.80 -19.19 -1.56
N TRP A 6 3.75 -18.28 -1.77
CA TRP A 6 3.48 -16.85 -1.72
C TRP A 6 3.03 -16.39 -3.09
N CYS A 7 2.18 -15.36 -3.14
CA CYS A 7 1.73 -14.85 -4.43
C CYS A 7 2.34 -13.51 -4.71
N ALA A 8 3.02 -13.40 -5.84
CA ALA A 8 3.68 -12.16 -6.18
C ALA A 8 2.90 -11.40 -7.22
N VAL A 9 2.85 -10.08 -7.04
CA VAL A 9 2.14 -9.23 -7.97
C VAL A 9 3.14 -8.56 -8.90
N GLY A 10 3.18 -9.01 -10.15
CA GLY A 10 4.12 -8.44 -11.10
C GLY A 10 5.49 -9.11 -11.07
N PRO A 11 6.29 -8.94 -12.14
CA PRO A 11 7.63 -9.54 -12.30
C PRO A 11 8.73 -9.13 -11.33
N GLU A 12 8.64 -7.93 -10.76
CA GLU A 12 9.64 -7.50 -9.82
C GLU A 12 9.41 -8.22 -8.50
N GLU A 13 8.15 -8.31 -8.06
CA GLU A 13 7.84 -9.01 -6.82
C GLU A 13 8.15 -10.47 -7.08
N GLN A 14 7.98 -10.91 -8.33
CA GLN A 14 8.28 -12.28 -8.67
C GLN A 14 9.79 -12.53 -8.48
N LYS A 15 10.62 -11.64 -9.04
CA LYS A 15 12.07 -11.78 -8.91
C LYS A 15 12.46 -11.86 -7.44
N LYS A 16 11.96 -10.95 -6.61
CA LYS A 16 12.28 -10.96 -5.18
C LYS A 16 11.79 -12.22 -4.50
N CYS A 17 10.55 -12.62 -4.78
CA CYS A 17 9.97 -13.83 -4.19
C CYS A 17 10.81 -15.08 -4.49
N GLN A 18 11.38 -15.19 -5.69
CA GLN A 18 12.18 -16.37 -6.05
C GLN A 18 13.48 -16.38 -5.24
N GLN A 19 14.02 -15.19 -5.00
CA GLN A 19 15.25 -15.05 -4.22
C GLN A 19 14.95 -15.55 -2.82
N TRP A 20 13.79 -15.14 -2.32
CA TRP A 20 13.32 -15.52 -1.00
C TRP A 20 13.08 -17.02 -0.99
N SER A 21 12.70 -17.57 -2.13
CA SER A 21 12.41 -19.00 -2.21
C SER A 21 13.70 -19.82 -2.12
N GLN A 22 14.65 -19.44 -2.96
CA GLN A 22 15.95 -20.06 -3.04
C GLN A 22 16.56 -20.13 -1.64
N GLN A 23 16.57 -18.97 -0.99
CA GLN A 23 17.10 -18.77 0.36
C GLN A 23 16.36 -19.48 1.48
N SER A 24 15.08 -19.78 1.26
CA SER A 24 14.23 -20.43 2.26
C SER A 24 14.28 -21.94 2.23
N GLY A 25 14.96 -22.50 1.23
CA GLY A 25 15.06 -23.93 1.06
C GLY A 25 13.77 -24.44 0.47
N GLN A 26 13.13 -23.58 -0.33
CA GLN A 26 11.84 -23.82 -0.98
C GLN A 26 10.75 -24.01 0.07
N ASN A 27 11.02 -23.55 1.30
CA ASN A 27 10.02 -23.61 2.38
C ASN A 27 8.97 -22.63 1.88
N VAL A 28 9.47 -21.61 1.18
CA VAL A 28 8.61 -20.58 0.59
C VAL A 28 8.77 -20.70 -0.89
N THR A 29 7.65 -20.80 -1.57
CA THR A 29 7.66 -20.90 -3.00
C THR A 29 6.74 -19.85 -3.58
N CYS A 30 6.91 -19.59 -4.86
CA CYS A 30 6.19 -18.53 -5.53
C CYS A 30 5.20 -18.79 -6.60
N ALA A 31 4.21 -17.92 -6.67
CA ALA A 31 3.23 -17.95 -7.74
C ALA A 31 3.12 -16.44 -8.05
N THR A 32 2.98 -16.11 -9.33
CA THR A 32 2.87 -14.73 -9.78
C THR A 32 1.57 -14.50 -10.53
N ALA A 33 1.05 -13.28 -10.40
CA ALA A 33 -0.16 -12.85 -11.07
C ALA A 33 0.09 -11.39 -11.40
N SER A 34 -0.64 -10.86 -12.38
CA SER A 34 -0.47 -9.48 -12.79
C SER A 34 -1.11 -8.44 -11.86
N THR A 35 -2.01 -8.85 -11.00
CA THR A 35 -2.64 -7.88 -10.12
C THR A 35 -2.91 -8.50 -8.78
N THR A 36 -3.09 -7.65 -7.78
CA THR A 36 -3.37 -8.11 -6.44
C THR A 36 -4.67 -8.91 -6.46
N ASP A 37 -5.70 -8.40 -7.13
CA ASP A 37 -6.98 -9.11 -7.20
C ASP A 37 -6.76 -10.54 -7.73
N ASP A 38 -5.92 -10.68 -8.76
CA ASP A 38 -5.64 -11.98 -9.32
C ASP A 38 -4.93 -12.85 -8.28
N CYS A 39 -4.03 -12.25 -7.49
CA CYS A 39 -3.35 -13.00 -6.45
C CYS A 39 -4.41 -13.43 -5.41
N ILE A 40 -5.42 -12.59 -5.15
CA ILE A 40 -6.51 -12.95 -4.19
C ILE A 40 -7.18 -14.21 -4.79
N VAL A 41 -7.39 -14.21 -6.12
CA VAL A 41 -8.05 -15.36 -6.79
C VAL A 41 -7.20 -16.64 -6.65
N LEU A 42 -5.89 -16.58 -6.94
CA LEU A 42 -5.06 -17.80 -6.81
C LEU A 42 -5.11 -18.38 -5.38
N VAL A 43 -5.23 -17.52 -4.36
CA VAL A 43 -5.31 -17.98 -2.97
C VAL A 43 -6.69 -18.60 -2.75
N LEU A 44 -7.75 -17.94 -3.21
CA LEU A 44 -9.10 -18.48 -3.09
C LEU A 44 -9.07 -19.88 -3.74
N LYS A 45 -8.49 -20.00 -4.93
CA LYS A 45 -8.45 -21.30 -5.60
C LYS A 45 -7.57 -22.33 -4.90
N GLY A 46 -6.70 -21.87 -4.01
CA GLY A 46 -5.84 -22.79 -3.31
C GLY A 46 -4.53 -22.98 -4.06
N GLU A 47 -4.32 -22.19 -5.11
CA GLU A 47 -3.10 -22.28 -5.91
C GLU A 47 -1.98 -21.42 -5.34
N ALA A 48 -2.31 -20.57 -4.37
CA ALA A 48 -1.31 -19.80 -3.63
C ALA A 48 -1.88 -19.79 -2.23
N ASP A 49 -1.01 -19.60 -1.24
CA ASP A 49 -1.44 -19.59 0.16
C ASP A 49 -1.60 -18.21 0.75
N ALA A 50 -0.82 -17.26 0.27
CA ALA A 50 -0.84 -15.97 0.92
C ALA A 50 -0.13 -14.88 0.16
N LEU A 51 -0.28 -13.68 0.68
CA LEU A 51 0.35 -12.45 0.21
C LEU A 51 0.01 -11.36 1.25
N ASN A 52 0.77 -10.27 1.22
CA ASN A 52 0.61 -9.16 2.15
C ASN A 52 -0.18 -8.10 1.41
N LEU A 53 -1.17 -7.50 2.08
CA LEU A 53 -2.08 -6.57 1.40
C LEU A 53 -2.42 -5.25 2.02
N ASP A 54 -2.68 -4.26 1.20
CA ASP A 54 -3.10 -2.97 1.72
C ASP A 54 -4.54 -3.22 2.25
N GLY A 55 -4.99 -2.36 3.15
CA GLY A 55 -6.32 -2.48 3.73
C GLY A 55 -7.45 -2.60 2.73
N GLY A 56 -7.39 -1.86 1.64
CA GLY A 56 -8.45 -1.93 0.65
C GLY A 56 -8.53 -3.30 -0.01
N TYR A 57 -7.39 -3.97 -0.15
CA TYR A 57 -7.42 -5.29 -0.77
C TYR A 57 -7.83 -6.30 0.28
N ILE A 58 -7.53 -6.01 1.55
CA ILE A 58 -7.90 -6.88 2.66
C ILE A 58 -9.42 -6.90 2.67
N TYR A 59 -10.03 -5.75 2.41
CA TYR A 59 -11.48 -5.67 2.40
C TYR A 59 -12.00 -6.64 1.32
N THR A 60 -11.48 -6.50 0.08
CA THR A 60 -11.83 -7.38 -1.04
C THR A 60 -11.52 -8.83 -0.65
N ALA A 61 -10.32 -9.09 -0.12
CA ALA A 61 -9.94 -10.44 0.27
C ALA A 61 -10.91 -11.03 1.32
N GLY A 62 -11.21 -10.24 2.34
CA GLY A 62 -12.12 -10.65 3.41
C GLY A 62 -13.53 -10.97 2.95
N LYS A 63 -14.06 -10.20 2.01
CA LYS A 63 -15.42 -10.49 1.54
C LYS A 63 -15.43 -11.85 0.83
N CYS A 64 -14.26 -12.31 0.40
CA CYS A 64 -14.16 -13.61 -0.26
C CYS A 64 -13.81 -14.68 0.74
N GLY A 65 -13.73 -14.32 2.01
CA GLY A 65 -13.40 -15.30 3.03
C GLY A 65 -11.94 -15.40 3.45
N LEU A 66 -11.04 -14.63 2.86
CA LEU A 66 -9.66 -14.72 3.28
C LEU A 66 -9.56 -14.06 4.66
N VAL A 67 -8.58 -14.48 5.45
CA VAL A 67 -8.44 -13.93 6.78
C VAL A 67 -7.06 -13.37 7.06
N PRO A 68 -7.00 -12.27 7.81
CA PRO A 68 -5.75 -11.61 8.17
C PRO A 68 -4.97 -12.57 9.06
N VAL A 69 -3.67 -12.68 8.83
CA VAL A 69 -2.82 -13.61 9.55
C VAL A 69 -1.78 -12.88 10.41
N LEU A 70 -0.98 -12.03 9.78
CA LEU A 70 0.02 -11.23 10.48
C LEU A 70 -0.02 -9.84 9.88
N ALA A 71 0.23 -8.82 10.68
CA ALA A 71 0.23 -7.46 10.18
C ALA A 71 1.64 -6.87 10.18
N GLU A 72 1.87 -5.97 9.24
CA GLU A 72 3.16 -5.29 9.14
C GLU A 72 3.27 -4.32 10.32
N ASN A 73 4.41 -4.34 11.00
CA ASN A 73 4.65 -3.39 12.09
C ASN A 73 5.90 -2.60 11.75
N ARG A 74 5.73 -1.28 11.61
CA ARG A 74 6.84 -0.38 11.28
C ARG A 74 7.56 0.09 12.54
N LYS A 75 8.61 0.89 12.34
CA LYS A 75 9.40 1.41 13.44
C LYS A 75 8.69 2.48 14.26
N SER A 76 8.15 2.03 15.39
CA SER A 76 7.44 2.91 16.32
C SER A 76 8.25 2.94 17.60
N SER A 77 8.25 4.08 18.28
CA SER A 77 8.98 4.20 19.55
C SER A 77 8.07 3.76 20.71
N LYS A 78 6.90 4.39 20.87
CA LYS A 78 5.95 4.07 21.95
C LYS A 78 5.66 2.57 21.96
N HIS A 79 5.66 1.98 23.17
CA HIS A 79 5.49 0.54 23.38
C HIS A 79 6.83 -0.07 22.90
N SER A 80 7.92 0.28 23.58
CA SER A 80 9.26 -0.18 23.21
C SER A 80 9.87 -1.42 23.87
N SER A 81 9.26 -1.92 24.95
CA SER A 81 9.82 -3.10 25.61
C SER A 81 9.32 -4.39 24.96
N LEU A 82 8.08 -4.35 24.46
CA LEU A 82 7.47 -5.50 23.80
C LEU A 82 8.12 -5.79 22.45
N ASP A 83 8.29 -7.07 22.17
CA ASP A 83 8.86 -7.53 20.91
C ASP A 83 7.92 -7.00 19.83
N CYS A 84 8.49 -6.60 18.70
CA CYS A 84 7.73 -6.08 17.58
C CYS A 84 6.63 -7.08 17.20
N VAL A 85 6.96 -8.37 17.25
CA VAL A 85 6.02 -9.43 16.91
C VAL A 85 4.75 -9.43 17.77
N LEU A 86 4.87 -8.96 19.01
CA LEU A 86 3.72 -8.93 19.92
C LEU A 86 3.26 -7.49 20.21
N ARG A 87 3.85 -6.54 19.49
CA ARG A 87 3.53 -5.10 19.63
C ARG A 87 2.26 -4.76 18.82
N PRO A 88 1.30 -4.05 19.44
CA PRO A 88 0.09 -3.70 18.68
C PRO A 88 0.49 -2.84 17.48
N THR A 89 -0.29 -2.91 16.40
CA THR A 89 0.00 -2.10 15.22
C THR A 89 -0.61 -0.72 15.49
N GLU A 90 0.10 0.32 15.11
CA GLU A 90 -0.39 1.66 15.35
C GLU A 90 -1.13 2.30 14.17
N GLY A 91 -1.01 1.71 12.99
CA GLY A 91 -1.68 2.25 11.82
C GLY A 91 -0.74 3.24 11.13
N TYR A 92 -1.08 3.67 9.92
CA TYR A 92 -0.25 4.63 9.22
C TYR A 92 -1.13 5.81 8.84
N LEU A 93 -0.49 6.95 8.62
CA LEU A 93 -1.21 8.17 8.31
C LEU A 93 -1.40 8.42 6.82
N ALA A 94 -2.64 8.33 6.38
CA ALA A 94 -2.95 8.60 4.99
C ALA A 94 -2.95 10.11 4.87
N VAL A 95 -2.11 10.64 3.99
CA VAL A 95 -1.98 12.10 3.78
C VAL A 95 -2.17 12.49 2.32
N ALA A 96 -2.26 13.80 2.06
CA ALA A 96 -2.37 14.33 0.70
C ALA A 96 -1.16 15.25 0.58
N VAL A 97 -0.24 14.94 -0.31
CA VAL A 97 0.96 15.75 -0.45
C VAL A 97 0.92 16.60 -1.71
N VAL A 98 1.52 17.78 -1.59
CA VAL A 98 1.66 18.73 -2.68
C VAL A 98 3.02 19.39 -2.60
N LYS A 99 3.37 20.06 -3.69
CA LYS A 99 4.63 20.78 -3.80
C LYS A 99 4.40 22.12 -3.06
N LYS A 100 5.34 22.55 -2.21
CA LYS A 100 5.19 23.81 -1.48
C LYS A 100 5.13 24.95 -2.53
N ALA A 101 6.03 24.92 -3.51
CA ALA A 101 6.05 25.91 -4.58
C ALA A 101 4.65 26.02 -5.24
N ASN A 102 3.79 25.00 -5.07
CA ASN A 102 2.46 25.03 -5.67
C ASN A 102 1.56 25.74 -4.64
N GLU A 103 1.85 27.03 -4.42
CA GLU A 103 1.11 27.86 -3.46
C GLU A 103 -0.37 27.98 -3.74
N GLY A 104 -1.17 28.13 -2.68
CA GLY A 104 -2.60 28.27 -2.88
C GLY A 104 -3.41 27.01 -3.10
N LEU A 105 -2.75 25.89 -3.40
CA LEU A 105 -3.45 24.62 -3.62
C LEU A 105 -3.79 24.05 -2.24
N THR A 106 -5.08 23.91 -1.96
CA THR A 106 -5.51 23.36 -0.68
C THR A 106 -6.43 22.21 -0.97
N TRP A 107 -6.97 21.60 0.08
CA TRP A 107 -7.91 20.52 -0.10
C TRP A 107 -9.13 21.12 -0.83
N ASN A 108 -9.54 22.34 -0.48
CA ASN A 108 -10.72 22.96 -1.11
C ASN A 108 -10.53 23.39 -2.55
N SER A 109 -9.29 23.39 -3.02
CA SER A 109 -9.02 23.76 -4.40
C SER A 109 -8.46 22.59 -5.22
N LEU A 110 -8.90 21.36 -4.93
CA LEU A 110 -8.43 20.17 -5.66
C LEU A 110 -9.18 19.87 -6.98
N LYS A 111 -10.45 20.27 -7.05
CA LYS A 111 -11.28 20.07 -8.25
C LYS A 111 -10.50 20.48 -9.52
N ASP A 112 -10.49 19.59 -10.51
CA ASP A 112 -9.78 19.83 -11.76
C ASP A 112 -8.27 19.88 -11.67
N LYS A 113 -7.69 19.39 -10.58
CA LYS A 113 -6.22 19.38 -10.53
C LYS A 113 -5.73 17.99 -11.00
N LYS A 114 -4.42 17.82 -11.10
CA LYS A 114 -3.83 16.54 -11.54
C LYS A 114 -3.44 15.76 -10.27
N SER A 115 -3.94 14.52 -10.13
CA SER A 115 -3.66 13.67 -8.94
C SER A 115 -2.85 12.37 -9.13
N CYS A 116 -2.19 11.90 -8.06
CA CYS A 116 -1.40 10.66 -8.13
C CYS A 116 -1.83 9.71 -7.04
N HIS A 117 -2.38 8.58 -7.44
CA HIS A 117 -2.87 7.59 -6.50
C HIS A 117 -1.99 6.34 -6.55
N THR A 118 -1.79 5.69 -5.40
CA THR A 118 -0.98 4.49 -5.36
C THR A 118 -1.58 3.47 -6.33
N ALA A 119 -2.89 3.25 -6.20
CA ALA A 119 -3.70 2.37 -7.08
C ALA A 119 -5.15 2.42 -6.67
N VAL A 120 -6.07 2.22 -7.63
CA VAL A 120 -7.49 2.22 -7.28
C VAL A 120 -7.63 1.08 -6.25
N ASP A 121 -8.59 1.24 -5.33
CA ASP A 121 -8.89 0.30 -4.25
C ASP A 121 -7.91 0.25 -3.10
N ARG A 122 -6.89 1.11 -3.07
CA ARG A 122 -5.98 1.08 -1.94
C ARG A 122 -6.42 2.08 -0.87
N THR A 123 -5.95 1.90 0.36
CA THR A 123 -6.40 2.77 1.43
C THR A 123 -6.10 4.25 1.32
N ALA A 124 -4.83 4.58 1.34
CA ALA A 124 -4.43 5.96 1.27
C ALA A 124 -4.50 6.54 -0.12
N GLY A 125 -4.24 5.72 -1.14
CA GLY A 125 -4.27 6.28 -2.47
C GLY A 125 -5.61 6.36 -3.15
N TRP A 126 -6.62 5.77 -2.53
CA TRP A 126 -7.91 5.79 -3.16
C TRP A 126 -9.14 5.83 -2.27
N ASN A 127 -9.35 4.81 -1.45
CA ASN A 127 -10.53 4.75 -0.60
C ASN A 127 -10.70 5.96 0.32
N ILE A 128 -9.62 6.38 0.97
CA ILE A 128 -9.74 7.52 1.88
C ILE A 128 -10.08 8.79 1.09
N PRO A 129 -9.13 9.28 0.27
CA PRO A 129 -9.39 10.52 -0.50
C PRO A 129 -10.64 10.59 -1.34
N MET A 130 -10.95 9.50 -2.02
CA MET A 130 -12.11 9.49 -2.89
C MET A 130 -13.40 9.39 -2.13
N GLY A 131 -13.35 8.65 -1.03
CA GLY A 131 -14.53 8.55 -0.19
C GLY A 131 -14.73 9.97 0.36
N LEU A 132 -13.67 10.63 0.80
CA LEU A 132 -13.82 11.99 1.31
C LEU A 132 -14.42 12.90 0.24
N ILE A 133 -13.83 12.89 -0.95
CA ILE A 133 -14.30 13.74 -2.05
C ILE A 133 -15.77 13.47 -2.41
N VAL A 134 -16.08 12.21 -2.68
CA VAL A 134 -17.45 11.82 -3.01
C VAL A 134 -18.37 12.39 -1.93
N ASN A 135 -18.03 12.16 -0.67
CA ASN A 135 -18.82 12.67 0.45
C ASN A 135 -18.99 14.17 0.40
N GLN A 136 -17.89 14.86 0.15
CA GLN A 136 -17.90 16.31 0.10
C GLN A 136 -18.57 16.94 -1.11
N THR A 137 -18.48 16.29 -2.26
CA THR A 137 -19.11 16.84 -3.45
C THR A 137 -20.53 16.32 -3.64
N GLY A 138 -20.87 15.25 -2.93
CA GLY A 138 -22.19 14.65 -3.05
C GLY A 138 -22.35 13.97 -4.41
N SER A 139 -21.25 13.67 -5.09
CA SER A 139 -21.30 13.03 -6.43
C SER A 139 -20.48 11.75 -6.52
N CYS A 140 -20.98 10.78 -7.28
CA CYS A 140 -20.27 9.52 -7.47
C CYS A 140 -19.34 9.61 -8.68
N ALA A 141 -19.31 10.77 -9.34
CA ALA A 141 -18.46 10.91 -10.50
C ALA A 141 -17.00 11.30 -10.18
N PHE A 142 -16.35 10.51 -9.32
CA PHE A 142 -14.96 10.76 -8.93
C PHE A 142 -14.01 10.63 -10.13
N ASP A 143 -14.50 10.00 -11.20
CA ASP A 143 -13.74 9.83 -12.45
C ASP A 143 -13.60 11.21 -13.12
N GLU A 144 -14.46 12.14 -12.69
CA GLU A 144 -14.50 13.50 -13.23
C GLU A 144 -14.06 14.59 -12.26
N PHE A 145 -13.56 14.20 -11.09
CA PHE A 145 -13.13 15.22 -10.14
C PHE A 145 -11.78 15.81 -10.54
N PHE A 146 -10.80 14.96 -10.84
CA PHE A 146 -9.49 15.45 -11.25
C PHE A 146 -9.49 15.53 -12.77
N SER A 147 -8.82 16.53 -13.33
CA SER A 147 -8.78 16.68 -14.78
C SER A 147 -8.06 15.46 -15.34
N GLN A 148 -6.97 15.10 -14.67
CA GLN A 148 -6.16 13.95 -15.06
C GLN A 148 -5.57 13.29 -13.83
N SER A 149 -5.33 11.98 -13.92
CA SER A 149 -4.79 11.24 -12.80
C SER A 149 -4.00 10.05 -13.23
N CYS A 150 -3.20 9.54 -12.30
CA CYS A 150 -2.58 8.26 -12.55
C CYS A 150 -3.13 7.43 -11.36
N ALA A 151 -4.07 6.53 -11.66
CA ALA A 151 -4.68 5.64 -10.66
C ALA A 151 -4.58 4.20 -11.15
N PRO A 152 -3.41 3.56 -10.98
CA PRO A 152 -3.25 2.17 -11.43
C PRO A 152 -4.45 1.33 -11.09
N GLY A 153 -4.89 0.55 -12.08
CA GLY A 153 -6.06 -0.31 -11.88
C GLY A 153 -7.31 0.24 -12.53
N ALA A 154 -7.29 1.52 -12.89
CA ALA A 154 -8.46 2.13 -13.54
C ALA A 154 -8.36 1.88 -15.07
N ASP A 155 -9.36 2.33 -15.83
CA ASP A 155 -9.37 2.10 -17.28
C ASP A 155 -8.27 2.89 -17.99
N PRO A 156 -7.30 2.16 -18.59
CA PRO A 156 -6.13 2.73 -19.31
C PRO A 156 -6.43 3.89 -20.26
N LYS A 157 -7.62 3.86 -20.85
CA LYS A 157 -8.10 4.89 -21.79
C LYS A 157 -8.63 6.12 -21.08
N SER A 158 -9.19 5.91 -19.89
CA SER A 158 -9.80 6.98 -19.14
C SER A 158 -8.79 7.95 -18.58
N ARG A 159 -9.27 9.13 -18.20
CA ARG A 159 -8.38 10.16 -17.69
C ARG A 159 -7.82 9.82 -16.30
N LEU A 160 -8.36 8.78 -15.66
CA LEU A 160 -7.87 8.34 -14.36
C LEU A 160 -6.51 7.63 -14.57
N CYS A 161 -6.19 7.27 -15.81
CA CYS A 161 -4.91 6.62 -16.12
C CYS A 161 -4.00 7.54 -16.93
N ALA A 162 -4.54 8.68 -17.37
CA ALA A 162 -3.79 9.62 -18.22
C ALA A 162 -2.38 10.00 -17.87
N LEU A 163 -2.11 10.10 -16.58
CA LEU A 163 -0.80 10.51 -16.15
C LEU A 163 0.13 9.33 -15.87
N CYS A 164 -0.38 8.11 -16.00
CA CYS A 164 0.47 6.96 -15.75
C CYS A 164 1.39 6.79 -16.92
N ALA A 165 2.60 6.30 -16.64
CA ALA A 165 3.58 6.15 -17.67
C ALA A 165 3.90 4.75 -18.13
N GLY A 166 3.33 3.74 -17.51
CA GLY A 166 3.69 2.40 -17.96
C GLY A 166 5.13 2.07 -17.56
N ASP A 167 5.69 1.01 -18.14
CA ASP A 167 7.06 0.58 -17.83
C ASP A 167 8.20 1.20 -18.64
N ASP A 168 9.40 0.63 -18.54
CA ASP A 168 10.58 1.14 -19.22
C ASP A 168 10.37 1.40 -20.71
N GLN A 169 9.56 0.56 -21.34
CA GLN A 169 9.26 0.70 -22.76
C GLN A 169 7.88 1.33 -22.95
N GLY A 170 7.35 1.95 -21.89
CA GLY A 170 6.04 2.57 -22.02
C GLY A 170 4.90 1.58 -22.17
N LEU A 171 5.13 0.32 -21.79
CA LEU A 171 4.08 -0.70 -21.89
C LEU A 171 3.46 -0.82 -20.53
N ASP A 172 2.32 -1.52 -20.47
CA ASP A 172 1.65 -1.75 -19.21
C ASP A 172 1.15 -0.52 -18.49
N LYS A 173 0.96 0.55 -19.25
CA LYS A 173 0.49 1.82 -18.71
C LYS A 173 -0.69 1.61 -17.78
N CYS A 174 -0.56 2.09 -16.56
CA CYS A 174 -1.63 2.00 -15.59
C CYS A 174 -1.91 0.64 -14.94
N VAL A 175 -1.08 -0.36 -15.19
CA VAL A 175 -1.33 -1.64 -14.54
C VAL A 175 -1.07 -1.45 -13.05
N PRO A 176 -1.90 -2.08 -12.20
CA PRO A 176 -1.69 -1.94 -10.76
C PRO A 176 -0.62 -2.86 -10.23
N ASN A 177 0.59 -2.71 -10.75
CA ASN A 177 1.72 -3.45 -10.23
C ASN A 177 2.93 -2.60 -10.48
N SER A 178 4.05 -3.00 -9.88
CA SER A 178 5.28 -2.23 -9.94
C SER A 178 5.84 -1.92 -11.30
N LYS A 179 5.33 -2.58 -12.33
CA LYS A 179 5.82 -2.28 -13.64
C LYS A 179 5.46 -0.82 -14.00
N GLU A 180 4.29 -0.34 -13.54
CA GLU A 180 3.85 1.04 -13.79
C GLU A 180 4.72 2.00 -12.93
N LYS A 181 5.40 2.92 -13.60
CA LYS A 181 6.30 3.90 -12.97
C LYS A 181 5.70 4.58 -11.74
N TYR A 182 4.44 4.95 -11.87
CA TYR A 182 3.74 5.67 -10.82
C TYR A 182 2.85 4.83 -9.91
N TYR A 183 3.10 3.53 -9.87
CA TYR A 183 2.31 2.61 -9.02
C TYR A 183 2.72 2.63 -7.55
N GLY A 184 1.76 2.44 -6.65
CA GLY A 184 2.09 2.38 -5.24
C GLY A 184 2.46 3.63 -4.50
N TYR A 185 2.88 3.48 -3.25
CA TYR A 185 3.26 4.67 -2.48
C TYR A 185 4.39 5.45 -3.13
N THR A 186 5.42 4.72 -3.57
CA THR A 186 6.60 5.35 -4.18
C THR A 186 6.31 6.00 -5.52
N GLY A 187 5.61 5.25 -6.38
CA GLY A 187 5.23 5.73 -7.69
C GLY A 187 4.28 6.93 -7.60
N ALA A 188 3.29 6.92 -6.70
CA ALA A 188 2.41 8.09 -6.62
C ALA A 188 3.22 9.31 -6.17
N PHE A 189 4.16 9.11 -5.26
CA PHE A 189 4.97 10.23 -4.80
C PHE A 189 5.92 10.70 -5.92
N ARG A 190 6.54 9.76 -6.62
CA ARG A 190 7.39 10.16 -7.73
C ARG A 190 6.48 10.93 -8.70
N CYS A 191 5.23 10.49 -8.88
CA CYS A 191 4.30 11.18 -9.79
C CYS A 191 4.17 12.65 -9.36
N LEU A 192 4.13 12.91 -8.04
CA LEU A 192 4.04 14.30 -7.54
C LEU A 192 5.41 15.00 -7.65
N ALA A 193 6.47 14.32 -7.20
CA ALA A 193 7.82 14.87 -7.24
C ALA A 193 8.26 15.33 -8.62
N GLU A 194 7.69 14.72 -9.65
CA GLU A 194 8.03 15.12 -11.01
C GLU A 194 6.98 16.04 -11.61
N ASP A 195 6.14 16.60 -10.76
CA ASP A 195 5.09 17.51 -11.22
C ASP A 195 4.26 16.95 -12.37
N VAL A 196 4.09 15.62 -12.38
CA VAL A 196 3.25 15.00 -13.39
C VAL A 196 1.86 15.28 -12.78
N GLY A 197 1.75 15.15 -11.46
CA GLY A 197 0.49 15.44 -10.79
C GLY A 197 0.70 16.61 -9.81
N ASP A 198 -0.40 17.22 -9.38
CA ASP A 198 -0.40 18.35 -8.44
C ASP A 198 -0.43 17.86 -6.99
N VAL A 199 -1.07 16.70 -6.79
CA VAL A 199 -1.26 16.09 -5.48
C VAL A 199 -1.11 14.56 -5.52
N ALA A 200 -0.49 14.01 -4.47
CA ALA A 200 -0.27 12.56 -4.34
C ALA A 200 -0.95 12.07 -3.09
N PHE A 201 -1.64 10.94 -3.19
CA PHE A 201 -2.28 10.38 -2.02
C PHE A 201 -1.48 9.15 -1.61
N VAL A 202 -0.61 9.36 -0.64
CA VAL A 202 0.25 8.32 -0.11
C VAL A 202 0.11 8.36 1.40
N LYS A 203 1.11 7.83 2.10
CA LYS A 203 1.10 7.87 3.56
C LYS A 203 2.24 8.77 4.04
N ASN A 204 2.19 9.12 5.31
CA ASN A 204 3.18 10.00 5.93
C ASN A 204 4.58 9.52 5.67
N ASP A 205 4.75 8.23 5.84
CA ASP A 205 6.04 7.62 5.70
C ASP A 205 6.70 7.80 4.34
N THR A 206 5.87 7.76 3.30
CA THR A 206 6.29 7.90 1.91
C THR A 206 7.10 9.15 1.65
N VAL A 207 6.60 10.26 2.15
CA VAL A 207 7.25 11.54 1.97
C VAL A 207 8.64 11.52 2.63
N TRP A 208 8.71 11.03 3.86
CA TRP A 208 9.99 10.96 4.57
C TRP A 208 11.02 10.02 3.93
N GLU A 209 10.58 8.80 3.61
CA GLU A 209 11.44 7.80 2.99
C GLU A 209 12.00 8.15 1.62
N ASN A 210 11.50 9.21 1.01
CA ASN A 210 11.97 9.58 -0.31
C ASN A 210 12.47 11.00 -0.45
N THR A 211 12.80 11.63 0.68
CA THR A 211 13.30 12.99 0.66
C THR A 211 14.56 13.06 1.52
N ASN A 212 15.25 14.20 1.45
CA ASN A 212 16.47 14.45 2.24
C ASN A 212 17.52 13.34 2.21
N GLY A 213 17.73 12.76 1.03
CA GLY A 213 18.71 11.72 0.87
C GLY A 213 18.31 10.31 1.27
N GLU A 214 17.09 10.14 1.77
CA GLU A 214 16.64 8.82 2.21
C GLU A 214 16.47 7.75 1.11
N SER A 215 16.61 8.13 -0.16
CA SER A 215 16.40 7.18 -1.28
C SER A 215 17.52 6.80 -2.30
N THR A 216 18.20 7.79 -2.88
CA THR A 216 19.27 7.63 -3.89
C THR A 216 18.76 7.44 -5.33
N ALA A 217 17.50 7.01 -5.45
CA ALA A 217 16.89 6.82 -6.76
C ALA A 217 16.96 8.14 -7.51
N ASP A 218 17.33 8.06 -8.78
CA ASP A 218 17.42 9.20 -9.69
C ASP A 218 16.45 10.35 -9.42
N TRP A 219 15.16 10.05 -9.42
CA TRP A 219 14.14 11.07 -9.22
C TRP A 219 14.02 11.63 -7.82
N ALA A 220 14.45 10.86 -6.82
CA ALA A 220 14.34 11.28 -5.43
C ALA A 220 15.56 12.00 -4.83
N LYS A 221 16.75 11.61 -5.29
CA LYS A 221 18.02 12.18 -4.83
C LYS A 221 17.94 13.60 -4.30
N ASN A 222 17.47 14.46 -5.18
CA ASN A 222 17.38 15.88 -4.90
C ASN A 222 16.11 16.42 -4.26
N LEU A 223 15.32 15.55 -3.64
CA LEU A 223 14.09 16.03 -3.02
C LEU A 223 14.28 16.46 -1.57
N LYS A 224 13.67 17.58 -1.23
CA LYS A 224 13.77 18.17 0.10
C LYS A 224 12.38 18.28 0.73
N ARG A 225 12.22 17.75 1.94
CA ARG A 225 10.94 17.79 2.64
C ARG A 225 10.26 19.14 2.60
N GLU A 226 11.02 20.22 2.74
CA GLU A 226 10.44 21.56 2.72
C GLU A 226 9.79 21.95 1.40
N ASP A 227 10.03 21.21 0.32
CA ASP A 227 9.42 21.53 -0.96
C ASP A 227 8.01 20.91 -1.05
N PHE A 228 7.61 20.25 0.01
CA PHE A 228 6.33 19.57 0.07
C PHE A 228 5.47 20.02 1.23
N ARG A 229 4.17 19.91 1.05
CA ARG A 229 3.27 20.27 2.12
C ARG A 229 2.17 19.25 2.18
N LEU A 230 1.50 19.17 3.32
CA LEU A 230 0.40 18.24 3.50
C LEU A 230 -0.86 19.10 3.43
N LEU A 231 -1.89 18.57 2.81
CA LEU A 231 -3.16 19.29 2.73
C LEU A 231 -4.06 18.73 3.82
N CYS A 232 -4.39 19.55 4.81
CA CYS A 232 -5.27 19.13 5.92
C CYS A 232 -6.72 19.31 5.49
N LEU A 233 -7.61 18.55 6.09
CA LEU A 233 -9.03 18.63 5.79
C LEU A 233 -9.63 20.02 6.11
N ASP A 234 -9.03 20.78 7.03
CA ASP A 234 -9.56 22.13 7.37
C ASP A 234 -9.23 23.22 6.34
N GLY A 235 -8.68 22.82 5.18
CA GLY A 235 -8.32 23.75 4.13
C GLY A 235 -6.93 24.35 4.31
N THR A 236 -6.23 23.88 5.33
CA THR A 236 -4.89 24.34 5.68
C THR A 236 -3.74 23.55 5.03
N ARG A 237 -2.53 24.10 5.13
CA ARG A 237 -1.31 23.52 4.56
C ARG A 237 -0.26 23.43 5.64
N LYS A 238 0.31 22.25 5.85
CA LYS A 238 1.32 22.13 6.88
C LYS A 238 2.56 21.40 6.38
N PRO A 239 3.70 21.61 7.05
CA PRO A 239 4.92 20.92 6.62
C PRO A 239 4.69 19.45 6.86
N VAL A 240 5.55 18.64 6.25
CA VAL A 240 5.44 17.20 6.38
C VAL A 240 5.91 16.68 7.72
N THR A 241 6.14 17.59 8.66
CA THR A 241 6.52 17.23 10.02
C THR A 241 5.21 17.24 10.85
N GLU A 242 4.15 17.82 10.31
CA GLU A 242 2.84 17.94 10.95
C GLU A 242 1.81 16.85 10.59
N ALA A 243 2.28 15.66 10.24
CA ALA A 243 1.35 14.60 9.88
C ALA A 243 0.35 14.17 11.00
N GLN A 244 0.77 14.10 12.27
CA GLN A 244 -0.09 13.70 13.38
C GLN A 244 -1.32 14.59 13.44
N SER A 245 -1.22 15.78 12.86
CA SER A 245 -2.33 16.71 12.88
C SER A 245 -2.83 17.16 11.50
N CYS A 246 -2.21 16.66 10.43
CA CYS A 246 -2.66 17.02 9.08
C CYS A 246 -2.72 15.80 8.14
N HIS A 247 -3.68 14.92 8.43
CA HIS A 247 -3.89 13.72 7.63
C HIS A 247 -5.35 13.50 7.21
N LEU A 248 -5.58 12.51 6.36
CA LEU A 248 -6.94 12.23 5.89
C LEU A 248 -7.58 11.16 6.76
N ALA A 249 -6.75 10.27 7.30
CA ALA A 249 -7.21 9.18 8.16
C ALA A 249 -6.01 8.36 8.57
N VAL A 250 -6.19 7.47 9.56
CA VAL A 250 -5.11 6.57 9.92
C VAL A 250 -5.64 5.23 9.33
N ALA A 251 -4.73 4.55 8.64
CA ALA A 251 -5.04 3.31 7.94
C ALA A 251 -4.59 2.09 8.68
N PRO A 252 -5.33 0.99 8.53
CA PRO A 252 -4.91 -0.23 9.21
C PRO A 252 -3.67 -0.70 8.46
N ASN A 253 -2.68 -1.18 9.18
CA ASN A 253 -1.47 -1.64 8.51
C ASN A 253 -1.71 -2.70 7.47
N HIS A 254 -0.83 -2.75 6.48
CA HIS A 254 -0.91 -3.78 5.48
C HIS A 254 -0.70 -5.05 6.29
N ALA A 255 -1.36 -6.13 5.86
CA ALA A 255 -1.25 -7.42 6.54
C ALA A 255 -1.32 -8.57 5.56
N VAL A 256 -0.83 -9.70 6.03
CA VAL A 256 -0.82 -10.92 5.27
C VAL A 256 -2.18 -11.58 5.37
N VAL A 257 -2.69 -12.06 4.25
CA VAL A 257 -3.97 -12.78 4.32
C VAL A 257 -3.78 -14.13 3.67
N SER A 258 -4.50 -15.11 4.19
CA SER A 258 -4.45 -16.44 3.60
C SER A 258 -5.87 -16.99 3.76
N ARG A 259 -6.11 -18.16 3.22
CA ARG A 259 -7.41 -18.81 3.35
C ARG A 259 -7.50 -19.28 4.80
N SER A 260 -8.69 -19.14 5.39
CA SER A 260 -8.96 -19.51 6.78
C SER A 260 -8.30 -20.80 7.23
N ASP A 261 -8.35 -21.83 6.39
CA ASP A 261 -7.79 -23.15 6.71
C ASP A 261 -6.29 -23.27 6.53
N ARG A 262 -5.66 -22.24 5.98
CA ARG A 262 -4.20 -22.23 5.77
C ARG A 262 -3.53 -21.23 6.71
N ALA A 263 -4.33 -20.38 7.36
CA ALA A 263 -3.81 -19.33 8.23
C ALA A 263 -2.81 -19.72 9.30
N ALA A 264 -3.11 -20.79 9.99
CA ALA A 264 -2.27 -21.29 11.05
C ALA A 264 -0.92 -21.68 10.54
N HIS A 265 -0.90 -22.32 9.38
CA HIS A 265 0.38 -22.74 8.86
C HIS A 265 1.15 -21.64 8.21
N VAL A 266 0.43 -20.71 7.57
CA VAL A 266 1.06 -19.58 6.93
C VAL A 266 1.67 -18.76 8.06
N GLU A 267 0.95 -18.63 9.17
CA GLU A 267 1.46 -17.88 10.31
C GLU A 267 2.78 -18.49 10.83
N GLN A 268 2.76 -19.78 11.12
CA GLN A 268 3.95 -20.47 11.65
C GLN A 268 5.17 -20.30 10.76
N VAL A 269 5.00 -20.59 9.49
CA VAL A 269 6.10 -20.48 8.54
C VAL A 269 6.64 -19.04 8.48
N LEU A 270 5.74 -18.06 8.49
CA LEU A 270 6.10 -16.64 8.40
C LEU A 270 6.96 -16.14 9.55
N LEU A 271 6.52 -16.43 10.77
CA LEU A 271 7.26 -16.04 11.96
C LEU A 271 8.66 -16.68 11.83
N HIS A 272 8.75 -17.93 11.35
CA HIS A 272 10.06 -18.57 11.22
C HIS A 272 10.85 -17.91 10.06
N GLN A 273 10.15 -17.37 9.06
CA GLN A 273 10.85 -16.73 7.95
C GLN A 273 11.37 -15.34 8.31
N GLN A 274 10.65 -14.57 9.12
CA GLN A 274 11.14 -13.24 9.50
C GLN A 274 12.27 -13.40 10.54
N ALA A 275 12.21 -14.44 11.38
CA ALA A 275 13.27 -14.68 12.36
C ALA A 275 14.56 -14.87 11.53
N LEU A 276 14.43 -15.34 10.28
CA LEU A 276 15.60 -15.55 9.40
C LEU A 276 15.90 -14.35 8.48
N PHE A 277 14.86 -13.70 7.93
CA PHE A 277 15.07 -12.62 6.98
C PHE A 277 14.51 -11.23 7.33
N GLY A 278 13.89 -11.14 8.50
CA GLY A 278 13.31 -9.88 8.96
C GLY A 278 14.34 -8.80 9.31
N LYS A 279 13.93 -7.81 10.11
CA LYS A 279 14.80 -6.69 10.49
C LYS A 279 16.06 -7.09 11.24
N ASN A 280 15.99 -8.14 12.03
CA ASN A 280 17.17 -8.61 12.75
C ASN A 280 17.45 -10.04 12.32
N GLY A 281 16.82 -10.42 11.22
CA GLY A 281 16.98 -11.76 10.67
C GLY A 281 18.40 -12.25 10.73
N LYS A 282 18.54 -13.52 11.10
CA LYS A 282 19.84 -14.16 11.20
C LYS A 282 20.61 -14.01 9.91
N ASN A 283 19.91 -14.15 8.79
CA ASN A 283 20.56 -14.06 7.48
C ASN A 283 20.19 -12.78 6.74
N CYS A 284 19.53 -11.83 7.41
CA CYS A 284 19.10 -10.64 6.66
C CYS A 284 20.21 -9.89 5.98
N PRO A 285 20.86 -8.95 6.67
CA PRO A 285 21.93 -8.24 5.94
C PRO A 285 22.75 -9.06 4.93
N ASP A 286 23.35 -10.16 5.38
CA ASP A 286 24.17 -10.96 4.47
C ASP A 286 23.49 -11.64 3.32
N LYS A 287 22.60 -12.56 3.65
CA LYS A 287 21.93 -13.35 2.64
C LYS A 287 20.68 -12.78 1.98
N PHE A 288 19.62 -12.54 2.74
CA PHE A 288 18.40 -12.00 2.14
C PHE A 288 17.59 -11.19 3.14
N CYS A 289 17.04 -10.07 2.68
CA CYS A 289 16.21 -9.27 3.55
C CYS A 289 14.79 -9.16 3.01
N LEU A 290 13.89 -9.83 3.71
CA LEU A 290 12.47 -9.88 3.37
C LEU A 290 11.85 -8.51 3.21
N PHE A 291 12.22 -7.59 4.11
CA PHE A 291 11.63 -6.25 4.10
C PHE A 291 12.40 -5.12 3.41
N LYS A 292 13.31 -5.48 2.52
CA LYS A 292 14.04 -4.49 1.75
C LYS A 292 13.94 -4.85 0.26
N SER A 293 13.92 -3.83 -0.60
CA SER A 293 13.78 -4.00 -2.05
C SER A 293 14.20 -2.74 -2.81
N GLU A 294 15.37 -2.20 -2.50
CA GLU A 294 15.88 -0.99 -3.14
C GLU A 294 14.87 0.19 -3.13
N THR A 295 13.96 0.21 -2.15
CA THR A 295 12.93 1.25 -1.95
C THR A 295 11.63 1.07 -2.76
N LYS A 296 11.42 -0.13 -3.30
CA LYS A 296 10.26 -0.43 -4.13
C LYS A 296 9.06 -1.13 -3.45
N ASN A 297 9.13 -1.33 -2.14
CA ASN A 297 8.08 -2.00 -1.36
C ASN A 297 7.52 -3.28 -2.00
N LEU A 298 8.42 -4.15 -2.42
CA LEU A 298 8.04 -5.42 -3.04
C LEU A 298 7.69 -6.45 -1.96
N LEU A 299 6.47 -6.99 -2.06
CA LEU A 299 5.88 -7.98 -1.14
C LEU A 299 5.57 -7.36 0.22
N PHE A 300 6.45 -6.52 0.72
CA PHE A 300 6.18 -5.87 2.00
C PHE A 300 6.69 -4.45 1.88
N ASN A 301 6.23 -3.57 2.77
CA ASN A 301 6.72 -2.22 2.76
C ASN A 301 8.14 -2.32 3.32
N ASP A 302 9.03 -1.50 2.79
CA ASP A 302 10.41 -1.52 3.23
C ASP A 302 10.61 -1.04 4.66
N ASN A 303 9.67 -0.24 5.17
CA ASN A 303 9.80 0.25 6.55
C ASN A 303 9.26 -0.70 7.60
N THR A 304 8.97 -1.93 7.19
CA THR A 304 8.44 -2.96 8.08
C THR A 304 9.53 -3.53 8.98
N GLU A 305 9.39 -3.35 10.29
CA GLU A 305 10.36 -3.86 11.25
C GLU A 305 10.08 -5.36 11.39
N CYS A 306 8.80 -5.72 11.41
CA CYS A 306 8.43 -7.13 11.51
C CYS A 306 6.95 -7.33 11.19
N LEU A 307 6.55 -8.61 11.13
CA LEU A 307 5.17 -9.01 10.89
C LEU A 307 4.74 -9.45 12.31
N ALA A 308 3.68 -8.85 12.80
CA ALA A 308 3.18 -9.08 14.16
C ALA A 308 1.91 -9.88 14.33
N LYS A 309 1.80 -10.55 15.48
CA LYS A 309 0.61 -11.34 15.80
C LYS A 309 -0.49 -10.31 15.97
N LEU A 310 -1.71 -10.70 15.65
CA LEU A 310 -2.84 -9.78 15.69
C LEU A 310 -3.60 -9.49 16.96
N GLY A 311 -3.89 -10.50 17.77
CA GLY A 311 -4.63 -10.22 18.99
C GLY A 311 -6.11 -10.01 18.76
N GLY A 312 -6.90 -10.93 19.35
CA GLY A 312 -8.34 -10.91 19.24
C GLY A 312 -8.72 -11.78 18.04
N ARG A 313 -7.74 -12.54 17.51
CA ARG A 313 -7.95 -13.40 16.38
C ARG A 313 -9.03 -12.68 15.63
N PRO A 314 -8.68 -11.47 15.13
CA PRO A 314 -9.73 -10.70 14.46
C PRO A 314 -10.25 -11.02 13.07
N THR A 315 -11.54 -10.74 12.87
CA THR A 315 -12.11 -10.96 11.58
C THR A 315 -11.50 -9.85 10.74
N TYR A 316 -11.73 -9.88 9.44
CA TYR A 316 -11.14 -8.87 8.59
C TYR A 316 -11.84 -7.53 8.82
N GLU A 317 -13.13 -7.58 9.20
CA GLU A 317 -13.90 -6.36 9.48
C GLU A 317 -13.40 -5.74 10.79
N GLU A 318 -13.02 -6.58 11.75
CA GLU A 318 -12.50 -6.09 13.01
C GLU A 318 -11.08 -5.56 12.80
N TYR A 319 -10.30 -6.20 11.94
CA TYR A 319 -8.94 -5.75 11.67
C TYR A 319 -8.93 -4.41 10.95
N LEU A 320 -9.84 -4.23 10.00
CA LEU A 320 -9.95 -2.97 9.26
C LEU A 320 -10.62 -1.90 10.12
N GLY A 321 -11.43 -2.30 11.10
CA GLY A 321 -12.11 -1.33 11.94
C GLY A 321 -13.39 -0.87 11.28
N THR A 322 -14.45 -0.68 12.07
CA THR A 322 -15.76 -0.26 11.57
C THR A 322 -15.76 1.04 10.80
N GLU A 323 -14.97 2.01 11.27
CA GLU A 323 -14.88 3.29 10.60
C GLU A 323 -14.41 3.03 9.16
N TYR A 324 -13.29 2.35 8.99
CA TYR A 324 -12.77 2.12 7.65
C TYR A 324 -13.69 1.28 6.74
N VAL A 325 -14.29 0.25 7.30
CA VAL A 325 -15.19 -0.63 6.55
C VAL A 325 -16.45 0.09 6.03
N THR A 326 -16.94 1.07 6.78
CA THR A 326 -18.13 1.81 6.36
C THR A 326 -17.77 2.69 5.18
N ALA A 327 -16.61 3.32 5.26
CA ALA A 327 -16.15 4.18 4.18
C ALA A 327 -16.08 3.43 2.85
N ILE A 328 -15.45 2.25 2.84
CA ILE A 328 -15.32 1.45 1.62
C ILE A 328 -16.66 1.01 1.00
N ALA A 329 -17.65 0.62 1.81
CA ALA A 329 -18.94 0.20 1.27
C ALA A 329 -19.61 1.46 0.70
N ASN A 330 -19.70 2.51 1.51
CA ASN A 330 -20.28 3.79 1.08
C ASN A 330 -19.61 4.24 -0.24
N LEU A 331 -18.28 4.06 -0.38
CA LEU A 331 -17.58 4.46 -1.62
C LEU A 331 -17.94 3.51 -2.78
N LYS A 332 -17.96 2.20 -2.50
CA LYS A 332 -18.29 1.21 -3.55
C LYS A 332 -19.76 1.23 -3.98
N LYS A 333 -20.58 2.03 -3.29
CA LYS A 333 -22.00 2.15 -3.65
C LYS A 333 -22.05 2.89 -4.99
N CYS A 334 -20.95 3.55 -5.33
CA CYS A 334 -20.80 4.31 -6.56
C CYS A 334 -20.37 3.47 -7.78
N SER A 335 -20.07 2.20 -7.57
CA SER A 335 -19.62 1.35 -8.69
C SER A 335 -20.72 0.45 -9.24
N LEU A 340 -25.26 -5.77 -2.39
CA LEU A 340 -24.80 -4.99 -1.24
C LEU A 340 -23.63 -5.71 -0.52
N GLU A 341 -23.66 -7.04 -0.48
CA GLU A 341 -22.58 -7.84 0.12
C GLU A 341 -22.35 -9.16 -0.65
N ALA A 342 -21.08 -9.48 -0.93
CA ALA A 342 -20.66 -10.70 -1.67
C ALA A 342 -19.24 -10.60 -2.24
N CYS A 343 -18.57 -11.75 -2.38
CA CYS A 343 -17.22 -11.80 -2.95
C CYS A 343 -17.24 -11.44 -4.45
N ALA A 344 -16.43 -10.44 -4.80
CA ALA A 344 -16.30 -9.91 -6.17
C ALA A 344 -15.74 -10.86 -7.23
N PHE A 345 -15.55 -12.13 -6.88
CA PHE A 345 -15.03 -13.13 -7.82
C PHE A 345 -15.83 -14.45 -7.77
C1 NAG B . 12.35 -24.91 6.47
C2 NAG B . 13.65 -24.37 7.09
C3 NAG B . 14.09 -25.08 8.38
C4 NAG B . 13.05 -25.96 9.10
C5 NAG B . 11.96 -26.49 8.18
C6 NAG B . 10.79 -27.12 8.92
C7 NAG B . 15.34 -23.41 5.63
C8 NAG B . 16.40 -23.65 4.58
N2 NAG B . 14.73 -24.48 6.12
O3 NAG B . 14.49 -24.09 9.31
O4 NAG B . 13.75 -27.03 9.74
O5 NAG B . 11.43 -25.39 7.44
O6 NAG B . 10.12 -26.18 9.76
O7 NAG B . 15.07 -22.28 5.98
C1 NAG B . 13.61 -27.09 11.12
C2 NAG B . 13.78 -28.55 11.56
C3 NAG B . 15.00 -28.79 12.47
C4 NAG B . 15.26 -27.70 13.53
C5 NAG B . 14.55 -26.42 13.18
C6 NAG B . 15.13 -25.20 13.87
C7 NAG B . 11.56 -28.38 12.60
C8 NAG B . 11.47 -28.27 14.11
N2 NAG B . 12.56 -29.12 12.12
O3 NAG B . 16.17 -28.93 11.66
O4 NAG B . 14.87 -28.15 14.81
O5 NAG B . 14.56 -26.23 11.74
O6 NAG B . 14.20 -24.12 13.93
O7 NAG B . 10.69 -27.86 11.90
C1 NAG C . -18.80 9.42 4.00
C2 NAG C . -17.96 8.96 5.15
C3 NAG C . -18.48 7.60 5.62
C4 NAG C . -19.91 7.95 6.16
C5 NAG C . -20.79 8.53 5.03
C6 NAG C . -22.15 9.02 5.50
C7 NAG C . -15.63 8.50 4.26
C8 NAG C . -14.18 8.67 4.73
N2 NAG C . -16.51 9.18 4.99
O3 NAG C . -17.65 7.12 6.67
O4 NAG C . -20.55 6.82 6.77
O5 NAG C . -20.15 9.67 4.44
O6 NAG C . -22.06 9.84 6.66
O7 NAG C . -15.88 7.82 3.26
C1 NAG C . -20.78 6.93 8.14
C2 NAG C . -21.82 5.90 8.57
C3 NAG C . -22.05 5.99 10.07
C4 NAG C . -20.75 5.88 10.86
C5 NAG C . -19.54 6.64 10.21
C6 NAG C . -18.30 5.86 10.59
C7 NAG C . -23.60 5.15 7.13
C8 NAG C . -24.41 4.07 7.81
N2 NAG C . -23.09 6.11 7.88
O3 NAG C . -22.88 4.93 10.47
O4 NAG C . -20.98 6.31 12.23
O5 NAG C . -19.53 6.65 8.76
O6 NAG C . -17.47 6.59 11.47
O7 NAG C . -23.45 5.12 5.92
C1 BMA C . -20.89 5.34 13.24
C2 BMA C . -20.26 5.91 14.49
C3 BMA C . -20.06 4.77 15.51
C4 BMA C . -21.37 4.04 15.82
C5 BMA C . -22.09 3.66 14.44
C6 BMA C . -23.48 3.11 14.67
O2 BMA C . -21.14 6.87 15.06
O3 BMA C . -19.54 5.29 16.72
O4 BMA C . -21.03 2.80 16.55
O5 BMA C . -22.18 4.82 13.55
O6 BMA C . -24.34 3.36 13.57
C1 BMA C . -20.74 2.73 17.94
C2 BMA C . -20.76 1.23 18.35
C3 BMA C . -20.67 1.22 19.87
C4 BMA C . -19.36 1.86 20.34
C5 BMA C . -19.12 3.24 19.67
C6 BMA C . -17.64 3.56 19.90
O2 BMA C . -19.62 0.56 17.81
O3 BMA C . -20.75 -0.11 20.35
O4 BMA C . -19.41 2.01 21.75
O5 BMA C . -19.43 3.24 18.23
O6 BMA C . -17.17 4.59 19.06
C1 NAG D . 6.14 9.73 9.57
C2 NAG D . 6.20 9.24 10.99
C3 NAG D . 7.57 9.36 11.59
C4 NAG D . 8.64 8.68 10.72
C5 NAG D . 8.36 8.78 9.17
C6 NAG D . 8.97 7.60 8.45
C7 NAG D . 4.69 10.91 12.03
C8 NAG D . 5.67 12.08 11.94
N2 NAG D . 5.13 9.66 11.89
O3 NAG D . 7.58 8.70 12.85
O4 NAG D . 9.88 9.37 10.95
O5 NAG D . 6.94 8.81 8.80
O6 NAG D . 8.31 6.38 8.79
O7 NAG D . 3.52 11.14 12.30
C1 NDG D . 10.72 9.24 12.05
C2 NDG D . 12.03 8.56 11.74
C3 NDG D . 12.29 7.32 12.58
C4 NDG D . 11.80 7.43 14.04
C5 NDG D . 10.33 7.90 14.11
C6 NDG D . 10.06 8.27 15.57
C7 NDG D . 12.99 8.64 9.50
C8 NDG D . 13.77 7.56 8.75
O5 NDG D . 10.05 9.08 13.30
O3 NDG D . 13.70 7.22 12.59
O4 NDG D . 11.88 6.12 14.71
O6 NDG D . 8.82 8.94 15.71
O7 NDG D . 13.24 9.83 9.32
N2 NDG D . 12.04 8.20 10.33
C1 BMA D . 12.89 5.69 15.59
C2 BMA D . 14.27 5.57 14.94
C3 BMA D . 15.46 6.38 15.55
C4 BMA D . 15.24 6.88 16.97
C5 BMA D . 14.13 6.10 17.59
C6 BMA D . 13.94 6.24 19.06
O2 BMA D . 14.23 5.86 13.57
O3 BMA D . 15.81 7.48 14.72
O4 BMA D . 16.42 6.76 17.74
O5 BMA D . 12.89 6.39 16.85
O6 BMA D . 13.85 7.59 19.48
C1 RIP E . -6.23 -1.77 12.80
C2 RIP E . -7.18 -1.37 13.95
C3 RIP E . -7.55 0.13 13.87
C4 RIP E . -6.30 1.06 13.72
C5 RIP E . -5.22 0.49 12.78
O1 RIP E . -5.87 -3.10 12.89
O2 RIP E . -8.39 -2.11 13.98
O3 RIP E . -8.41 0.28 12.73
O4 RIP E . -6.62 2.32 13.19
O5 RIP E . -5.04 -0.96 12.82
C1 RIP F . -12.52 -5.04 -7.06
C2 RIP F . -12.37 -4.69 -8.57
C3 RIP F . -12.79 -3.28 -8.87
C4 RIP F . -14.11 -2.95 -8.14
C5 RIP F . -14.07 -3.32 -6.66
O1 RIP F . -12.19 -6.40 -6.88
O2 RIP F . -11.03 -4.94 -8.97
O3 RIP F . -11.82 -2.32 -8.67
O4 RIP F . -14.48 -1.62 -8.36
O5 RIP F . -13.83 -4.75 -6.56
FE FE G . -1.73 1.13 2.10
C CO3 H . -2.30 2.71 0.15
O1 CO3 H . -1.49 1.59 -0.11
O2 CO3 H . -2.67 2.96 1.33
O3 CO3 H . -2.65 3.45 -0.80
ZN ZN I . -13.19 -10.73 17.13
ZN ZN J . -6.75 11.43 12.89
S SO4 K . 2.87 27.15 2.51
O1 SO4 K . 1.96 26.03 2.80
O2 SO4 K . 2.28 28.39 3.06
O3 SO4 K . 4.19 26.88 3.11
O4 SO4 K . 3.02 27.31 1.04
#